data_6I2D
#
_entry.id   6I2D
#
_cell.length_a   83.898
_cell.length_b   83.898
_cell.length_c   60.357
_cell.angle_alpha   90.00
_cell.angle_beta   90.00
_cell.angle_gamma   90.00
#
_symmetry.space_group_name_H-M   'P 41'
#
loop_
_entity.id
_entity.type
_entity.pdbx_description
1 polymer 'cAMP-dependent protein kinase catalytic subunit alpha'
2 polymer 'UPF0418 protein FAM164A'
3 non-polymer '[2-[(4-isoquinolin-5-ylsulfonyl-1,4-diazepan-1-yl)methyl]phenyl]boronic acid'
4 water water
#
loop_
_entity_poly.entity_id
_entity_poly.type
_entity_poly.pdbx_seq_one_letter_code
_entity_poly.pdbx_strand_id
1 'polypeptide(L)'
;GHMGNAAAAKKG(SEP)EQESVKEFLAKAKEEFLKKWESPSQNTAQLDHFDRIKTLGTGSFGRVMLVKHKETGNHYAMKI
LDKQKVVKLKQIEHTLNEKRILQAVNFPFLVKLEFSFKDNSNLYMVMEYVPGGEMFSHLRRIGRF(SEP)EPHARFYAAQ
IVLTFEYLHSLDLIYRDLKPENLLIDQQGYIQVTDFGFAKRVKGRTW(TPO)LCGTPEYLAPEIILSKGYNKAVDWWALG
VLIYEMAAGYPPFFADQPIQIYEKIVSGKVRFPSHFSSDLKDLLRNLLQVDLTKRFGNLKNGVNDIKNHKWFATTDWIAI
YQRKVEAPFIPKFKGPGDTSNFDDYEEEEIRV(SEP)INEKCGKEFTEF
;
A
2 'polypeptide(L)' TTYADFIASGRTSRRDAI D
#
# COMPACT_ATOMS: atom_id res chain seq x y z
N LYS A 11 -5.59 16.73 24.51
CA LYS A 11 -5.04 16.27 23.24
C LYS A 11 -3.52 16.17 23.33
N GLY A 12 -2.92 17.06 24.13
CA GLY A 12 -1.48 17.07 24.33
C GLY A 12 -0.98 15.86 25.11
N GLU A 14 -2.59 13.05 24.62
CA GLU A 14 -2.78 12.11 23.53
C GLU A 14 -1.50 12.01 22.70
N GLN A 15 -0.78 13.12 22.54
CA GLN A 15 0.36 13.07 21.65
C GLN A 15 1.67 12.71 22.38
N GLU A 16 1.76 12.95 23.69
CA GLU A 16 2.81 12.27 24.47
C GLU A 16 2.60 10.76 24.42
N SER A 17 1.34 10.33 24.42
CA SER A 17 1.03 8.93 24.26
C SER A 17 1.50 8.43 22.90
N VAL A 18 1.30 9.24 21.86
CA VAL A 18 1.70 8.83 20.52
C VAL A 18 3.22 8.65 20.47
N LYS A 19 3.97 9.58 21.09
CA LYS A 19 5.42 9.53 21.09
C LYS A 19 5.94 8.29 21.82
N GLU A 20 5.34 7.96 22.97
CA GLU A 20 5.74 6.78 23.71
C GLU A 20 5.43 5.52 22.93
N PHE A 21 4.27 5.49 22.28
CA PHE A 21 3.92 4.36 21.44
C PHE A 21 4.96 4.15 20.34
N LEU A 22 5.39 5.23 19.66
CA LEU A 22 6.29 5.07 18.52
C LEU A 22 7.67 4.63 18.97
N ALA A 23 8.11 5.13 20.14
CA ALA A 23 9.37 4.66 20.71
C ALA A 23 9.31 3.16 21.02
N LYS A 24 8.20 2.70 21.59
CA LYS A 24 8.06 1.26 21.84
C LYS A 24 8.06 0.48 20.53
N ALA A 25 7.32 0.97 19.54
CA ALA A 25 7.21 0.26 18.27
C ALA A 25 8.54 0.18 17.54
N LYS A 26 9.36 1.24 17.65
CA LYS A 26 10.68 1.22 17.01
C LYS A 26 11.58 0.19 17.67
N GLU A 27 11.53 0.10 19.00
CA GLU A 27 12.29 -0.91 19.70
C GLU A 27 11.87 -2.31 19.25
N GLU A 28 10.55 -2.56 19.17
CA GLU A 28 10.06 -3.88 18.81
C GLU A 28 10.34 -4.20 17.34
N PHE A 29 10.28 -3.19 16.48
CA PHE A 29 10.55 -3.38 15.07
C PHE A 29 12.01 -3.74 14.86
N LEU A 30 12.91 -3.01 15.53
CA LEU A 30 14.33 -3.24 15.32
C LEU A 30 14.73 -4.63 15.80
N LYS A 31 14.07 -5.13 16.84
CA LYS A 31 14.38 -6.49 17.29
C LYS A 31 14.06 -7.51 16.20
N LYS A 32 12.83 -7.48 15.67
CA LYS A 32 12.51 -8.39 14.57
C LYS A 32 13.26 -8.03 13.28
N TRP A 33 13.59 -6.75 13.10
CA TRP A 33 14.34 -6.32 11.91
C TRP A 33 15.75 -6.91 11.91
N GLU A 34 16.43 -6.84 13.06
CA GLU A 34 17.79 -7.33 13.16
C GLU A 34 17.86 -8.87 13.20
N SER A 35 16.79 -9.56 13.63
CA SER A 35 16.75 -11.03 13.62
C SER A 35 15.46 -11.54 12.99
N PRO A 36 15.35 -11.48 11.66
CA PRO A 36 14.06 -11.82 11.02
C PRO A 36 13.64 -13.27 11.25
N SER A 37 12.34 -13.50 11.32
CA SER A 37 11.80 -14.86 11.26
C SER A 37 12.14 -15.49 9.91
N GLN A 38 12.30 -16.82 9.91
CA GLN A 38 12.55 -17.57 8.68
C GLN A 38 11.91 -18.94 8.73
N ASN A 39 11.47 -19.40 7.55
CA ASN A 39 11.01 -20.78 7.34
C ASN A 39 10.08 -21.21 8.45
N THR A 40 8.95 -20.54 8.54
CA THR A 40 7.99 -20.76 9.62
C THR A 40 6.79 -21.57 9.16
N ALA A 41 6.88 -22.23 8.01
CA ALA A 41 5.89 -23.20 7.55
C ALA A 41 6.45 -23.81 6.27
N GLN A 42 5.65 -24.63 5.60
CA GLN A 42 6.09 -25.26 4.37
C GLN A 42 4.88 -25.52 3.48
N LEU A 43 5.14 -25.75 2.20
CA LEU A 43 4.08 -25.74 1.21
C LEU A 43 3.02 -26.78 1.54
N ASP A 44 3.49 -28.00 1.87
CA ASP A 44 2.62 -29.13 2.22
C ASP A 44 1.67 -28.83 3.37
N HIS A 45 1.89 -27.74 4.11
CA HIS A 45 0.94 -27.37 5.16
C HIS A 45 -0.35 -26.76 4.64
N PHE A 46 -0.45 -26.40 3.36
CA PHE A 46 -1.63 -25.69 2.88
C PHE A 46 -2.32 -26.46 1.77
N ASP A 47 -3.64 -26.21 1.67
CA ASP A 47 -4.47 -26.65 0.55
C ASP A 47 -4.70 -25.46 -0.37
N ARG A 48 -4.24 -25.59 -1.61
CA ARG A 48 -4.49 -24.58 -2.61
C ARG A 48 -5.96 -24.61 -3.01
N ILE A 49 -6.55 -23.42 -3.17
CA ILE A 49 -7.95 -23.26 -3.53
C ILE A 49 -8.12 -22.61 -4.90
N LYS A 50 -7.41 -21.51 -5.15
CA LYS A 50 -7.66 -20.75 -6.36
C LYS A 50 -6.60 -19.67 -6.51
N THR A 51 -6.35 -19.29 -7.74
CA THR A 51 -5.39 -18.23 -8.02
C THR A 51 -6.10 -16.88 -8.00
N LEU A 52 -5.54 -15.92 -7.26
CA LEU A 52 -6.18 -14.60 -7.10
C LEU A 52 -5.50 -13.48 -7.86
N GLY A 53 -4.30 -13.69 -8.36
CA GLY A 53 -3.64 -12.69 -9.13
C GLY A 53 -2.34 -13.22 -9.69
N THR A 54 -1.88 -12.55 -10.73
CA THR A 54 -0.64 -12.95 -11.41
C THR A 54 0.23 -11.73 -11.61
N GLY A 55 1.54 -11.96 -11.70
CA GLY A 55 2.49 -10.88 -11.80
C GLY A 55 3.67 -11.36 -12.61
N SER A 56 4.51 -10.41 -12.98
CA SER A 56 5.63 -10.77 -13.86
C SER A 56 6.54 -11.81 -13.23
N PHE A 57 6.62 -11.86 -11.91
CA PHE A 57 7.52 -12.84 -11.30
C PHE A 57 6.85 -13.70 -10.24
N GLY A 58 5.52 -13.78 -10.24
CA GLY A 58 4.89 -14.69 -9.30
C GLY A 58 3.38 -14.66 -9.42
N ARG A 59 2.73 -15.25 -8.42
CA ARG A 59 1.27 -15.31 -8.35
C ARG A 59 0.85 -15.22 -6.89
N VAL A 60 -0.44 -14.89 -6.68
CA VAL A 60 -1.02 -14.93 -5.36
C VAL A 60 -2.12 -15.97 -5.43
N MET A 61 -2.15 -16.84 -4.43
CA MET A 61 -3.10 -17.94 -4.35
C MET A 61 -3.86 -17.91 -3.04
N LEU A 62 -5.16 -18.19 -3.12
CA LEU A 62 -5.94 -18.42 -1.92
C LEU A 62 -5.68 -19.85 -1.47
N VAL A 63 -5.28 -20.01 -0.22
CA VAL A 63 -4.99 -21.33 0.33
C VAL A 63 -5.66 -21.42 1.70
N LYS A 64 -5.77 -22.66 2.21
CA LYS A 64 -6.36 -22.94 3.51
C LYS A 64 -5.39 -23.80 4.30
N HIS A 65 -5.04 -23.36 5.50
CA HIS A 65 -4.14 -24.13 6.37
C HIS A 65 -4.84 -25.43 6.76
N LYS A 66 -4.16 -26.55 6.55
CA LYS A 66 -4.80 -27.84 6.77
C LYS A 66 -5.21 -28.02 8.23
N GLU A 67 -4.27 -27.80 9.16
CA GLU A 67 -4.57 -28.03 10.58
C GLU A 67 -5.50 -26.97 11.15
N THR A 68 -5.33 -25.71 10.74
CA THR A 68 -6.06 -24.59 11.31
C THR A 68 -7.41 -24.38 10.62
N GLY A 69 -7.48 -24.61 9.30
CA GLY A 69 -8.66 -24.26 8.53
C GLY A 69 -8.74 -22.80 8.13
N ASN A 70 -7.88 -21.95 8.65
CA ASN A 70 -7.88 -20.54 8.27
C ASN A 70 -7.42 -20.38 6.83
N HIS A 71 -8.01 -19.39 6.13
CA HIS A 71 -7.65 -19.03 4.76
C HIS A 71 -6.57 -17.96 4.74
N TYR A 72 -5.68 -18.04 3.75
CA TYR A 72 -4.54 -17.17 3.65
C TYR A 72 -4.33 -16.78 2.19
N ALA A 73 -3.83 -15.57 1.96
CA ALA A 73 -3.29 -15.23 0.65
C ALA A 73 -1.81 -15.57 0.65
N MET A 74 -1.42 -16.42 -0.26
CA MET A 74 -0.04 -16.92 -0.35
C MET A 74 0.58 -16.29 -1.59
N LYS A 75 1.56 -15.42 -1.39
CA LYS A 75 2.26 -14.80 -2.51
C LYS A 75 3.46 -15.69 -2.83
N ILE A 76 3.52 -16.18 -4.07
CA ILE A 76 4.55 -17.12 -4.51
C ILE A 76 5.40 -16.43 -5.56
N LEU A 77 6.69 -16.30 -5.31
CA LEU A 77 7.57 -15.61 -6.25
C LEU A 77 8.57 -16.58 -6.82
N ASP A 78 8.69 -16.61 -8.15
CA ASP A 78 9.69 -17.43 -8.84
C ASP A 78 11.08 -16.78 -8.68
N LYS A 79 11.98 -17.47 -7.98
CA LYS A 79 13.31 -16.90 -7.70
C LYS A 79 14.04 -16.51 -8.99
N GLN A 80 14.02 -17.39 -9.98
CA GLN A 80 14.69 -17.13 -11.25
C GLN A 80 14.19 -15.87 -11.92
N LYS A 81 12.88 -15.67 -11.94
CA LYS A 81 12.33 -14.44 -12.51
C LYS A 81 12.62 -13.20 -11.66
N VAL A 82 12.56 -13.33 -10.34
CA VAL A 82 12.95 -12.22 -9.48
C VAL A 82 14.35 -11.74 -9.84
N VAL A 83 15.27 -12.69 -10.01
CA VAL A 83 16.64 -12.32 -10.34
C VAL A 83 16.69 -11.68 -11.73
N LYS A 84 16.08 -12.35 -12.72
CA LYS A 84 16.05 -11.83 -14.08
C LYS A 84 15.54 -10.40 -14.12
N LEU A 85 14.48 -10.08 -13.40
CA LEU A 85 13.88 -8.77 -13.49
C LEU A 85 14.48 -7.81 -12.48
N LYS A 86 15.56 -8.22 -11.82
CA LYS A 86 16.33 -7.36 -10.91
C LYS A 86 15.49 -6.86 -9.74
N GLN A 87 14.77 -7.78 -9.11
CA GLN A 87 13.87 -7.47 -8.01
C GLN A 87 14.32 -8.13 -6.71
N ILE A 88 15.56 -8.60 -6.66
CA ILE A 88 16.05 -9.30 -5.47
C ILE A 88 15.93 -8.40 -4.24
N GLU A 89 16.50 -7.20 -4.31
CA GLU A 89 16.50 -6.31 -3.14
C GLU A 89 15.08 -5.99 -2.73
N HIS A 90 14.19 -5.71 -3.69
CA HIS A 90 12.81 -5.38 -3.37
C HIS A 90 12.08 -6.53 -2.69
N THR A 91 12.28 -7.76 -3.18
CA THR A 91 11.60 -8.91 -2.60
C THR A 91 12.14 -9.23 -1.18
N LEU A 92 13.46 -9.21 -1.00
CA LEU A 92 13.99 -9.42 0.34
C LEU A 92 13.49 -8.34 1.30
N ASN A 93 13.40 -7.10 0.83
CA ASN A 93 12.88 -6.01 1.67
C ASN A 93 11.41 -6.21 2.02
N GLU A 94 10.58 -6.66 1.07
CA GLU A 94 9.17 -6.80 1.39
C GLU A 94 8.99 -7.78 2.52
N LYS A 95 9.70 -8.90 2.47
CA LYS A 95 9.54 -9.91 3.51
C LYS A 95 10.14 -9.47 4.83
N ARG A 96 11.34 -8.88 4.79
CA ARG A 96 11.97 -8.44 6.02
C ARG A 96 11.13 -7.37 6.71
N ILE A 97 10.55 -6.44 5.92
CA ILE A 97 9.71 -5.41 6.50
C ILE A 97 8.46 -6.03 7.07
N LEU A 98 7.74 -6.83 6.27
CA LEU A 98 6.46 -7.35 6.75
C LEU A 98 6.62 -8.18 8.01
N GLN A 99 7.71 -8.97 8.13
CA GLN A 99 7.79 -9.81 9.32
C GLN A 99 8.14 -9.01 10.57
N ALA A 100 8.60 -7.77 10.41
CA ALA A 100 9.03 -6.91 11.51
C ALA A 100 7.99 -5.87 11.94
N VAL A 101 7.11 -5.40 11.04
CA VAL A 101 6.17 -4.34 11.39
C VAL A 101 4.97 -4.91 12.11
N ASN A 102 4.22 -4.03 12.76
CA ASN A 102 3.07 -4.43 13.56
C ASN A 102 2.18 -3.19 13.67
N PHE A 103 1.12 -3.13 12.87
CA PHE A 103 0.24 -1.97 12.87
C PHE A 103 -1.15 -2.39 12.35
N PRO A 104 -2.22 -1.80 12.86
CA PRO A 104 -3.57 -2.28 12.51
C PRO A 104 -3.90 -2.24 11.04
N PHE A 105 -3.29 -1.34 10.24
CA PHE A 105 -3.70 -1.17 8.86
C PHE A 105 -2.66 -1.72 7.89
N LEU A 106 -1.84 -2.68 8.34
CA LEU A 106 -0.92 -3.41 7.47
C LEU A 106 -1.37 -4.85 7.35
N VAL A 107 -1.17 -5.44 6.18
CA VAL A 107 -1.45 -6.86 6.03
C VAL A 107 -0.57 -7.62 7.01
N LYS A 108 -1.03 -8.79 7.39
CA LYS A 108 -0.40 -9.54 8.48
C LYS A 108 0.32 -10.75 7.89
N LEU A 109 1.64 -10.72 7.94
CA LEU A 109 2.43 -11.86 7.50
C LEU A 109 2.44 -12.91 8.60
N GLU A 110 1.89 -14.07 8.30
CA GLU A 110 1.81 -15.16 9.28
C GLU A 110 2.93 -16.17 9.14
N PHE A 111 3.32 -16.48 7.91
CA PHE A 111 4.31 -17.51 7.63
C PHE A 111 5.15 -17.06 6.43
N SER A 112 6.38 -17.53 6.38
CA SER A 112 7.16 -17.41 5.16
C SER A 112 8.13 -18.57 5.08
N PHE A 113 8.49 -18.92 3.85
CA PHE A 113 9.39 -20.04 3.62
C PHE A 113 9.83 -19.96 2.17
N LYS A 114 10.82 -20.78 1.81
CA LYS A 114 11.35 -20.88 0.45
C LYS A 114 11.66 -22.34 0.16
N ASP A 115 11.75 -22.68 -1.13
CA ASP A 115 12.16 -24.02 -1.57
C ASP A 115 13.14 -23.87 -2.74
N ASN A 116 13.35 -24.95 -3.48
CA ASN A 116 14.34 -24.91 -4.55
C ASN A 116 14.04 -23.80 -5.55
N SER A 117 12.77 -23.53 -5.80
CA SER A 117 12.41 -22.62 -6.89
C SER A 117 11.82 -21.29 -6.43
N ASN A 118 11.08 -21.25 -5.32
CA ASN A 118 10.18 -20.15 -5.04
C ASN A 118 10.36 -19.60 -3.64
N LEU A 119 9.89 -18.36 -3.49
CA LEU A 119 9.69 -17.70 -2.21
C LEU A 119 8.20 -17.62 -1.91
N TYR A 120 7.82 -17.85 -0.66
CA TYR A 120 6.42 -17.86 -0.24
C TYR A 120 6.23 -16.89 0.91
N MET A 121 5.22 -16.04 0.81
CA MET A 121 4.76 -15.21 1.90
C MET A 121 3.27 -15.46 2.06
N VAL A 122 2.85 -15.71 3.29
CA VAL A 122 1.52 -16.22 3.60
C VAL A 122 0.89 -15.22 4.55
N MET A 123 -0.18 -14.60 4.12
CA MET A 123 -0.82 -13.50 4.83
C MET A 123 -2.28 -13.84 5.05
N GLU A 124 -2.82 -13.34 6.15
CA GLU A 124 -4.23 -13.53 6.44
C GLU A 124 -5.07 -13.08 5.25
N TYR A 125 -6.04 -13.93 4.89
CA TYR A 125 -6.87 -13.64 3.72
C TYR A 125 -7.94 -12.60 4.06
N VAL A 126 -7.99 -11.55 3.24
CA VAL A 126 -8.97 -10.49 3.33
C VAL A 126 -9.92 -10.63 2.14
N PRO A 127 -11.11 -11.23 2.29
CA PRO A 127 -11.95 -11.52 1.11
C PRO A 127 -12.54 -10.30 0.43
N GLY A 128 -12.69 -9.16 1.14
CA GLY A 128 -13.17 -7.93 0.51
C GLY A 128 -12.37 -7.50 -0.71
N GLY A 129 -11.07 -7.84 -0.76
CA GLY A 129 -10.26 -7.47 -1.92
C GLY A 129 -9.76 -6.04 -1.88
N GLU A 130 -9.35 -5.58 -3.06
CA GLU A 130 -8.66 -4.32 -3.24
C GLU A 130 -9.62 -3.13 -3.30
N MET A 131 -9.21 -2.00 -2.68
CA MET A 131 -10.00 -0.77 -2.80
C MET A 131 -10.24 -0.44 -4.25
N PHE A 132 -9.24 -0.71 -5.08
CA PHE A 132 -9.30 -0.35 -6.48
C PHE A 132 -10.60 -0.79 -7.14
N SER A 133 -10.93 -2.06 -7.04
CA SER A 133 -12.09 -2.56 -7.76
C SER A 133 -13.39 -1.98 -7.19
N HIS A 134 -13.47 -1.79 -5.87
CA HIS A 134 -14.65 -1.16 -5.28
C HIS A 134 -14.76 0.30 -5.70
N LEU A 135 -13.66 1.00 -5.70
CA LEU A 135 -13.68 2.39 -6.13
C LEU A 135 -14.11 2.51 -7.59
N ARG A 136 -13.60 1.63 -8.44
CA ARG A 136 -13.95 1.74 -9.86
C ARG A 136 -15.40 1.36 -10.11
N ARG A 137 -15.92 0.37 -9.38
CA ARG A 137 -17.30 -0.06 -9.58
C ARG A 137 -18.28 0.99 -9.06
N ILE A 138 -18.00 1.54 -7.89
CA ILE A 138 -18.91 2.49 -7.27
C ILE A 138 -18.79 3.85 -7.93
N GLY A 139 -17.60 4.22 -8.36
CA GLY A 139 -17.35 5.48 -9.04
C GLY A 139 -16.47 6.39 -8.20
N ARG A 140 -17.02 6.93 -7.12
CA ARG A 140 -16.20 7.69 -6.18
C ARG A 140 -16.76 7.50 -4.78
N PHE A 141 -15.97 7.90 -3.79
CA PHE A 141 -16.39 7.87 -2.40
C PHE A 141 -16.75 9.27 -1.95
N GLU A 143 -16.88 12.37 0.79
CA GLU A 143 -15.74 12.89 1.53
C GLU A 143 -15.61 12.23 2.92
N PRO A 144 -16.71 12.04 3.67
CA PRO A 144 -16.58 11.26 4.90
C PRO A 144 -16.01 9.88 4.63
N HIS A 145 -16.45 9.23 3.55
CA HIS A 145 -15.96 7.89 3.22
C HIS A 145 -14.46 7.94 2.91
N ALA A 146 -14.06 8.85 2.00
CA ALA A 146 -12.66 9.08 1.68
C ALA A 146 -11.83 9.41 2.91
N ARG A 147 -12.38 10.22 3.80
CA ARG A 147 -11.61 10.68 4.96
C ARG A 147 -11.33 9.53 5.93
N PHE A 148 -12.27 8.60 6.07
CA PHE A 148 -12.08 7.43 6.94
C PHE A 148 -10.85 6.63 6.51
N TYR A 149 -10.74 6.36 5.20
CA TYR A 149 -9.57 5.69 4.64
C TYR A 149 -8.32 6.54 4.81
N ALA A 150 -8.42 7.82 4.48
CA ALA A 150 -7.24 8.69 4.50
C ALA A 150 -6.64 8.72 5.90
N ALA A 151 -7.50 8.81 6.90
CA ALA A 151 -7.05 8.86 8.29
C ALA A 151 -6.18 7.65 8.61
N GLN A 152 -6.55 6.48 8.10
CA GLN A 152 -5.75 5.28 8.36
C GLN A 152 -4.40 5.33 7.62
N ILE A 153 -4.36 5.91 6.42
CA ILE A 153 -3.07 6.05 5.76
C ILE A 153 -2.19 7.04 6.52
N VAL A 154 -2.79 8.12 7.03
CA VAL A 154 -2.02 9.10 7.79
C VAL A 154 -1.35 8.43 8.98
N LEU A 155 -2.13 7.66 9.76
CA LEU A 155 -1.53 6.97 10.90
C LEU A 155 -0.48 5.96 10.45
N THR A 156 -0.73 5.32 9.32
CA THR A 156 0.19 4.29 8.88
C THR A 156 1.52 4.89 8.43
N PHE A 157 1.47 6.06 7.80
CA PHE A 157 2.69 6.71 7.37
C PHE A 157 3.44 7.27 8.57
N GLU A 158 2.71 7.79 9.58
CA GLU A 158 3.33 8.22 10.82
C GLU A 158 4.13 7.07 11.43
N TYR A 159 3.52 5.89 11.47
CA TYR A 159 4.18 4.70 11.98
C TYR A 159 5.40 4.32 11.13
N LEU A 160 5.20 4.11 9.83
CA LEU A 160 6.32 3.70 8.98
C LEU A 160 7.43 4.73 8.97
N HIS A 161 7.10 6.01 8.85
CA HIS A 161 8.12 7.06 8.83
C HIS A 161 8.91 7.12 10.14
N SER A 162 8.25 6.84 11.26
CA SER A 162 8.96 6.81 12.54
C SER A 162 9.99 5.71 12.57
N LEU A 163 9.83 4.70 11.73
CA LEU A 163 10.83 3.66 11.59
C LEU A 163 11.86 3.98 10.51
N ASP A 164 11.85 5.21 9.96
CA ASP A 164 12.71 5.59 8.84
C ASP A 164 12.38 4.79 7.58
N LEU A 165 11.12 4.32 7.46
CA LEU A 165 10.67 3.60 6.26
C LEU A 165 9.90 4.54 5.35
N ILE A 166 10.40 4.70 4.13
CA ILE A 166 9.65 5.34 3.07
C ILE A 166 8.83 4.27 2.38
N TYR A 167 7.59 4.60 2.08
CA TYR A 167 6.66 3.59 1.56
C TYR A 167 6.69 3.50 0.04
N ARG A 168 6.44 4.61 -0.67
CA ARG A 168 6.64 4.74 -2.11
C ARG A 168 5.70 3.93 -3.02
N ASP A 169 4.70 3.23 -2.49
CA ASP A 169 3.87 2.36 -3.32
C ASP A 169 2.38 2.57 -3.09
N LEU A 170 1.98 3.74 -2.62
CA LEU A 170 0.60 3.97 -2.27
C LEU A 170 -0.26 4.07 -3.53
N LYS A 171 -1.36 3.34 -3.55
CA LYS A 171 -2.34 3.47 -4.61
C LYS A 171 -3.48 2.53 -4.24
N PRO A 172 -4.66 2.74 -4.80
CA PRO A 172 -5.82 1.89 -4.44
C PRO A 172 -5.59 0.42 -4.74
N GLU A 173 -4.72 0.13 -5.71
CA GLU A 173 -4.38 -1.25 -6.03
C GLU A 173 -3.73 -1.99 -4.86
N ASN A 174 -3.11 -1.27 -3.92
CA ASN A 174 -2.28 -1.85 -2.88
C ASN A 174 -2.90 -1.69 -1.51
N LEU A 175 -4.22 -1.58 -1.48
CA LEU A 175 -4.98 -1.35 -0.26
C LEU A 175 -6.15 -2.32 -0.28
N LEU A 176 -6.29 -3.13 0.76
CA LEU A 176 -7.44 -4.01 0.94
C LEU A 176 -8.47 -3.37 1.84
N ILE A 177 -9.74 -3.78 1.66
CA ILE A 177 -10.83 -3.41 2.57
C ILE A 177 -11.26 -4.67 3.32
N ASP A 178 -11.06 -4.69 4.64
CA ASP A 178 -11.27 -5.92 5.39
C ASP A 178 -12.71 -6.03 5.84
N GLN A 179 -12.98 -7.08 6.61
CA GLN A 179 -14.36 -7.43 6.89
C GLN A 179 -15.02 -6.46 7.87
N GLN A 180 -14.24 -5.66 8.59
CA GLN A 180 -14.78 -4.53 9.35
C GLN A 180 -14.75 -3.23 8.56
N GLY A 181 -14.39 -3.29 7.27
CA GLY A 181 -14.35 -2.11 6.43
C GLY A 181 -13.12 -1.24 6.59
N TYR A 182 -12.10 -1.72 7.30
CA TYR A 182 -10.86 -0.98 7.52
C TYR A 182 -9.85 -1.41 6.49
N ILE A 183 -8.83 -0.61 6.33
CA ILE A 183 -7.83 -0.78 5.29
C ILE A 183 -6.67 -1.65 5.78
N GLN A 184 -6.10 -2.42 4.86
CA GLN A 184 -4.80 -3.09 5.03
C GLN A 184 -3.90 -2.77 3.85
N VAL A 185 -2.75 -2.18 4.13
CA VAL A 185 -1.73 -1.87 3.12
C VAL A 185 -0.97 -3.15 2.77
N THR A 186 -0.82 -3.43 1.48
CA THR A 186 -0.36 -4.75 1.06
C THR A 186 1.12 -4.82 0.73
N ASP A 187 1.65 -3.89 -0.05
CA ASP A 187 2.91 -4.12 -0.74
C ASP A 187 4.03 -3.35 -0.06
N PHE A 188 5.18 -4.01 0.11
CA PHE A 188 6.35 -3.39 0.72
C PHE A 188 7.62 -3.64 -0.07
N GLY A 189 7.50 -4.06 -1.31
CA GLY A 189 8.69 -4.29 -2.11
C GLY A 189 9.47 -3.01 -2.34
N PHE A 190 8.76 -1.89 -2.46
CA PHE A 190 9.40 -0.59 -2.68
C PHE A 190 9.69 0.13 -1.38
N ALA A 191 9.35 -0.45 -0.24
CA ALA A 191 9.61 0.23 1.00
C ALA A 191 11.07 0.06 1.33
N LYS A 192 11.66 1.10 1.88
CA LYS A 192 13.10 1.10 2.15
C LYS A 192 13.36 1.86 3.43
N ARG A 193 14.31 1.37 4.22
CA ARG A 193 14.71 2.12 5.39
C ARG A 193 15.75 3.13 4.94
N VAL A 194 15.48 4.40 5.19
CA VAL A 194 16.27 5.50 4.62
C VAL A 194 16.24 6.65 5.63
N LYS A 195 17.40 7.21 5.95
CA LYS A 195 17.29 8.35 6.86
C LYS A 195 17.13 9.67 6.13
N GLY A 196 18.01 9.99 5.20
CA GLY A 196 17.75 11.19 4.41
C GLY A 196 17.05 10.94 3.08
N ARG A 197 17.74 11.19 1.99
CA ARG A 197 17.13 11.05 0.67
C ARG A 197 17.55 9.73 0.05
N THR A 198 16.79 9.33 -0.96
CA THR A 198 17.13 8.19 -1.79
C THR A 198 16.84 8.59 -3.22
N TRP A 199 17.24 7.75 -4.18
CA TRP A 199 17.15 8.14 -5.59
C TRP A 199 16.50 7.15 -6.57
N LEU A 201 14.19 5.43 -9.05
CA LEU A 201 13.01 5.79 -9.80
C LEU A 201 12.06 4.61 -9.73
N CYS A 202 11.11 4.67 -8.81
CA CYS A 202 10.14 3.60 -8.64
C CYS A 202 8.82 4.21 -8.20
N GLY A 203 7.74 3.48 -8.51
CA GLY A 203 6.38 3.89 -8.17
C GLY A 203 5.48 3.76 -9.37
N THR A 204 4.31 4.42 -9.30
CA THR A 204 3.28 4.34 -10.32
C THR A 204 3.04 5.72 -10.93
N PRO A 205 2.96 5.86 -12.27
CA PRO A 205 3.01 7.23 -12.85
C PRO A 205 2.07 8.22 -12.20
N GLU A 206 0.79 7.85 -12.03
CA GLU A 206 -0.22 8.75 -11.47
C GLU A 206 0.14 9.24 -10.06
N TYR A 207 0.94 8.50 -9.32
CA TYR A 207 1.20 8.76 -7.90
C TYR A 207 2.58 9.34 -7.66
N LEU A 208 3.39 9.50 -8.71
CA LEU A 208 4.75 9.94 -8.51
C LEU A 208 4.83 11.42 -8.15
N ALA A 209 5.60 11.72 -7.12
CA ALA A 209 5.79 13.11 -6.76
C ALA A 209 6.74 13.77 -7.76
N PRO A 210 6.62 15.10 -7.93
CA PRO A 210 7.44 15.83 -8.92
C PRO A 210 8.95 15.59 -8.77
N GLU A 211 9.46 15.60 -7.53
CA GLU A 211 10.89 15.39 -7.30
C GLU A 211 11.36 13.99 -7.70
N ILE A 212 10.49 12.98 -7.70
CA ILE A 212 10.87 11.68 -8.27
C ILE A 212 11.03 11.80 -9.77
N ILE A 213 10.01 12.36 -10.43
CA ILE A 213 10.04 12.57 -11.88
C ILE A 213 11.27 13.34 -12.29
N LEU A 214 11.64 14.36 -11.53
CA LEU A 214 12.75 15.23 -11.90
C LEU A 214 14.11 14.65 -11.52
N SER A 215 14.18 13.40 -11.02
CA SER A 215 15.44 12.69 -10.85
C SER A 215 16.34 13.40 -9.87
N LYS A 216 15.77 14.20 -9.01
CA LYS A 216 16.52 14.63 -7.86
C LYS A 216 16.26 13.61 -6.76
N GLY A 217 17.17 13.57 -5.82
CA GLY A 217 16.89 12.80 -4.63
C GLY A 217 15.53 13.17 -4.08
N TYR A 218 15.00 12.32 -3.22
CA TYR A 218 13.74 12.64 -2.57
C TYR A 218 13.69 11.92 -1.23
N ASN A 219 12.74 12.33 -0.40
CA ASN A 219 12.65 11.82 0.96
C ASN A 219 11.20 11.38 1.18
N LYS A 220 10.83 11.17 2.46
CA LYS A 220 9.48 10.72 2.86
C LYS A 220 8.35 11.67 2.44
N ALA A 221 8.66 12.91 2.06
CA ALA A 221 7.60 13.78 1.58
C ALA A 221 6.88 13.21 0.36
N VAL A 222 7.50 12.28 -0.40
CA VAL A 222 6.82 11.71 -1.57
C VAL A 222 5.59 10.90 -1.15
N ASP A 223 5.59 10.38 0.07
CA ASP A 223 4.45 9.62 0.55
C ASP A 223 3.28 10.53 0.86
N TRP A 224 3.57 11.73 1.39
CA TRP A 224 2.51 12.71 1.64
C TRP A 224 1.95 13.26 0.33
N TRP A 225 2.79 13.43 -0.69
CA TRP A 225 2.27 13.69 -2.03
C TRP A 225 1.32 12.59 -2.47
N ALA A 226 1.77 11.33 -2.36
CA ALA A 226 0.94 10.23 -2.81
C ALA A 226 -0.36 10.16 -2.04
N LEU A 227 -0.35 10.53 -0.76
CA LEU A 227 -1.61 10.60 -0.03
C LEU A 227 -2.58 11.60 -0.67
N GLY A 228 -2.08 12.77 -1.09
CA GLY A 228 -2.91 13.72 -1.81
C GLY A 228 -3.53 13.13 -3.07
N VAL A 229 -2.74 12.39 -3.83
CA VAL A 229 -3.26 11.77 -5.04
C VAL A 229 -4.37 10.79 -4.69
N LEU A 230 -4.13 9.97 -3.65
CA LEU A 230 -5.09 8.95 -3.27
C LEU A 230 -6.39 9.57 -2.78
N ILE A 231 -6.30 10.60 -1.92
CA ILE A 231 -7.53 11.24 -1.43
C ILE A 231 -8.31 11.81 -2.61
N TYR A 232 -7.61 12.53 -3.49
CA TYR A 232 -8.23 13.06 -4.72
C TYR A 232 -8.90 11.96 -5.53
N GLU A 233 -8.17 10.86 -5.82
CA GLU A 233 -8.76 9.81 -6.65
C GLU A 233 -9.99 9.20 -5.98
N MET A 234 -9.92 8.96 -4.66
CA MET A 234 -11.05 8.43 -3.90
C MET A 234 -12.25 9.35 -3.96
N ALA A 235 -12.03 10.65 -3.73
CA ALA A 235 -13.13 11.61 -3.64
C ALA A 235 -13.67 12.03 -5.00
N ALA A 236 -12.85 12.02 -6.05
CA ALA A 236 -13.28 12.41 -7.39
C ALA A 236 -13.69 11.25 -8.26
N GLY A 237 -13.10 10.08 -8.07
CA GLY A 237 -13.32 8.95 -8.96
C GLY A 237 -12.31 8.81 -10.08
N TYR A 238 -11.37 9.75 -10.20
CA TYR A 238 -10.28 9.73 -11.16
C TYR A 238 -9.10 10.44 -10.50
N PRO A 239 -7.88 10.14 -10.90
CA PRO A 239 -6.72 10.75 -10.24
C PRO A 239 -6.52 12.18 -10.72
N PRO A 240 -5.74 12.97 -9.99
CA PRO A 240 -5.56 14.36 -10.37
C PRO A 240 -4.76 14.56 -11.65
N PHE A 241 -3.87 13.63 -12.01
CA PHE A 241 -3.05 13.75 -13.21
C PHE A 241 -3.21 12.46 -13.99
N PHE A 242 -3.86 12.53 -15.16
CA PHE A 242 -3.97 11.34 -16.01
C PHE A 242 -3.88 11.76 -17.46
N ALA A 243 -3.49 10.80 -18.28
CA ALA A 243 -3.29 11.01 -19.72
C ALA A 243 -3.17 9.65 -20.35
N ASP A 244 -3.09 9.63 -21.69
CA ASP A 244 -2.94 8.37 -22.40
C ASP A 244 -1.62 7.69 -22.05
N GLN A 245 -0.53 8.45 -21.99
CA GLN A 245 0.81 7.91 -21.82
C GLN A 245 1.48 8.49 -20.56
N PRO A 246 2.34 7.70 -19.89
CA PRO A 246 3.04 8.24 -18.69
C PRO A 246 3.73 9.58 -18.91
N ILE A 247 4.36 9.82 -20.05
CA ILE A 247 5.12 11.07 -20.20
C ILE A 247 4.19 12.27 -20.08
N GLN A 248 2.98 12.16 -20.60
CA GLN A 248 2.01 13.25 -20.49
C GLN A 248 1.53 13.46 -19.05
N ILE A 249 1.44 12.38 -18.28
CA ILE A 249 1.14 12.47 -16.85
C ILE A 249 2.21 13.30 -16.13
N TYR A 250 3.48 12.97 -16.38
CA TYR A 250 4.57 13.65 -15.69
C TYR A 250 4.54 15.16 -15.93
N GLU A 251 4.29 15.57 -17.17
CA GLU A 251 4.18 17.01 -17.46
C GLU A 251 3.10 17.67 -16.61
N LYS A 252 1.97 17.00 -16.44
CA LYS A 252 0.91 17.58 -15.63
C LYS A 252 1.34 17.68 -14.17
N ILE A 253 1.99 16.63 -13.66
CA ILE A 253 2.42 16.60 -12.27
C ILE A 253 3.37 17.76 -11.95
N VAL A 254 4.38 17.98 -12.79
CA VAL A 254 5.36 19.01 -12.45
C VAL A 254 4.84 20.40 -12.75
N SER A 255 3.66 20.51 -13.38
CA SER A 255 3.14 21.81 -13.83
C SER A 255 2.79 22.72 -12.66
N GLY A 256 2.49 22.13 -11.50
CA GLY A 256 2.00 22.92 -10.39
C GLY A 256 0.52 23.25 -10.45
N LYS A 257 -0.21 22.72 -11.43
CA LYS A 257 -1.64 22.99 -11.55
C LYS A 257 -2.43 21.72 -11.26
N VAL A 258 -3.52 21.85 -10.51
CA VAL A 258 -4.50 20.78 -10.32
C VAL A 258 -5.88 21.40 -10.44
N ARG A 259 -6.77 20.71 -11.14
CA ARG A 259 -8.18 21.13 -11.22
C ARG A 259 -9.00 20.24 -10.30
N PHE A 260 -9.77 20.85 -9.43
CA PHE A 260 -10.60 20.08 -8.50
C PHE A 260 -12.03 20.00 -8.99
N PRO A 261 -12.72 18.87 -8.82
CA PRO A 261 -14.16 18.83 -9.13
C PRO A 261 -14.93 19.88 -8.35
N SER A 262 -16.04 20.30 -8.93
CA SER A 262 -16.83 21.35 -8.33
C SER A 262 -17.47 20.94 -7.01
N HIS A 263 -17.61 19.65 -6.76
CA HIS A 263 -18.22 19.19 -5.53
C HIS A 263 -17.23 19.03 -4.36
N PHE A 264 -15.93 19.23 -4.59
CA PHE A 264 -14.95 19.15 -3.50
C PHE A 264 -15.17 20.29 -2.51
N SER A 265 -15.20 19.98 -1.22
CA SER A 265 -15.35 21.01 -0.20
C SER A 265 -14.14 21.95 -0.19
N SER A 266 -14.32 23.16 0.37
CA SER A 266 -13.19 24.08 0.48
C SER A 266 -12.09 23.51 1.38
N ASP A 267 -12.45 22.80 2.45
CA ASP A 267 -11.42 22.22 3.31
C ASP A 267 -10.66 21.13 2.55
N LEU A 268 -11.36 20.33 1.75
CA LEU A 268 -10.65 19.29 1.02
C LEU A 268 -9.69 19.91 0.01
N LYS A 269 -10.15 20.90 -0.76
CA LYS A 269 -9.24 21.58 -1.68
C LYS A 269 -8.04 22.15 -0.95
N ASP A 270 -8.24 22.79 0.20
CA ASP A 270 -7.08 23.38 0.87
C ASP A 270 -6.14 22.29 1.37
N LEU A 271 -6.67 21.19 1.88
CA LEU A 271 -5.80 20.09 2.25
C LEU A 271 -4.98 19.63 1.06
N LEU A 272 -5.65 19.36 -0.06
CA LEU A 272 -4.99 18.80 -1.24
C LEU A 272 -3.97 19.74 -1.85
N ARG A 273 -4.22 21.07 -1.80
CA ARG A 273 -3.21 22.01 -2.28
C ARG A 273 -1.95 21.90 -1.45
N ASN A 274 -2.07 21.56 -0.18
CA ASN A 274 -0.90 21.47 0.69
C ASN A 274 -0.20 20.13 0.60
N LEU A 275 -0.95 19.08 0.25
CA LEU A 275 -0.36 17.77 -0.03
C LEU A 275 0.18 17.66 -1.45
N LEU A 276 -0.60 18.11 -2.44
CA LEU A 276 -0.12 18.19 -3.81
C LEU A 276 0.67 19.45 -4.07
N GLN A 277 1.56 19.77 -3.15
CA GLN A 277 2.44 20.93 -3.23
C GLN A 277 3.71 20.50 -3.95
N VAL A 278 3.95 21.11 -5.12
CA VAL A 278 5.03 20.65 -5.98
C VAL A 278 6.37 20.93 -5.34
N ASP A 279 6.41 21.87 -4.42
CA ASP A 279 7.64 22.22 -3.71
C ASP A 279 7.68 21.44 -2.39
N LEU A 280 8.52 20.40 -2.35
CA LEU A 280 8.52 19.48 -1.22
C LEU A 280 8.85 20.19 0.09
N THR A 281 9.57 21.31 0.02
CA THR A 281 9.87 22.06 1.24
C THR A 281 8.66 22.81 1.77
N LYS A 282 7.59 22.92 0.99
CA LYS A 282 6.35 23.55 1.45
C LYS A 282 5.23 22.53 1.69
N ARG A 283 5.49 21.25 1.50
CA ARG A 283 4.42 20.25 1.48
C ARG A 283 4.06 19.80 2.88
N PHE A 284 2.75 19.78 3.19
CA PHE A 284 2.29 19.22 4.44
C PHE A 284 2.85 17.84 4.66
N GLY A 285 3.16 17.55 5.91
CA GLY A 285 3.86 16.35 6.29
C GLY A 285 5.36 16.51 6.31
N ASN A 286 5.90 17.50 5.60
CA ASN A 286 7.34 17.73 5.55
C ASN A 286 7.73 19.08 6.15
N LEU A 287 6.84 19.72 6.90
CA LEU A 287 7.13 21.01 7.52
C LEU A 287 7.53 20.78 8.98
N LYS A 288 7.78 21.89 9.70
CA LYS A 288 8.30 21.77 11.05
C LYS A 288 7.45 20.86 11.91
N ASN A 289 6.13 20.99 11.83
CA ASN A 289 5.23 20.22 12.67
C ASN A 289 4.91 18.84 12.12
N GLY A 290 5.53 18.47 11.01
CA GLY A 290 5.39 17.10 10.51
C GLY A 290 3.94 16.71 10.25
N VAL A 291 3.59 15.51 10.71
CA VAL A 291 2.29 14.93 10.43
C VAL A 291 1.16 15.68 11.09
N ASN A 292 1.46 16.48 12.12
CA ASN A 292 0.41 17.20 12.83
C ASN A 292 -0.25 18.25 11.97
N ASP A 293 0.46 18.85 11.00
CA ASP A 293 -0.20 19.78 10.09
C ASP A 293 -1.31 19.10 9.33
N ILE A 294 -1.16 17.80 9.04
CA ILE A 294 -2.24 17.05 8.42
C ILE A 294 -3.31 16.67 9.44
N LYS A 295 -2.89 16.10 10.59
CA LYS A 295 -3.89 15.65 11.57
C LYS A 295 -4.70 16.82 12.10
N ASN A 296 -4.12 18.01 12.10
CA ASN A 296 -4.78 19.19 12.62
C ASN A 296 -5.47 20.05 11.56
N HIS A 297 -5.51 19.61 10.30
CA HIS A 297 -6.16 20.36 9.23
C HIS A 297 -7.68 20.28 9.35
N LYS A 298 -8.38 21.34 8.89
CA LYS A 298 -9.83 21.42 9.10
C LYS A 298 -10.58 20.25 8.45
N TRP A 299 -10.10 19.73 7.32
CA TRP A 299 -10.80 18.59 6.72
C TRP A 299 -10.87 17.41 7.68
N PHE A 300 -9.94 17.31 8.64
CA PHE A 300 -9.91 16.22 9.60
C PHE A 300 -10.48 16.62 10.97
N ALA A 301 -11.20 17.73 11.06
CA ALA A 301 -11.66 18.18 12.37
C ALA A 301 -12.54 17.14 13.05
N THR A 302 -13.33 16.40 12.29
CA THR A 302 -14.25 15.41 12.87
C THR A 302 -13.62 14.07 13.11
N THR A 303 -12.32 13.91 12.84
CA THR A 303 -11.68 12.61 12.86
C THR A 303 -11.13 12.35 14.25
N ASP A 304 -11.55 11.24 14.83
CA ASP A 304 -11.10 10.81 16.16
C ASP A 304 -9.93 9.85 15.93
N TRP A 305 -8.71 10.40 15.95
CA TRP A 305 -7.53 9.61 15.55
C TRP A 305 -7.34 8.40 16.44
N ILE A 306 -7.48 8.58 17.75
CA ILE A 306 -7.45 7.46 18.70
C ILE A 306 -8.47 6.41 18.30
N ALA A 307 -9.71 6.83 18.10
CA ALA A 307 -10.76 5.91 17.69
C ALA A 307 -10.41 5.18 16.39
N ILE A 308 -9.85 5.89 15.39
CA ILE A 308 -9.50 5.21 14.15
C ILE A 308 -8.46 4.12 14.43
N TYR A 309 -7.40 4.48 15.16
CA TYR A 309 -6.37 3.49 15.46
C TYR A 309 -7.00 2.26 16.11
N GLN A 310 -7.91 2.48 17.03
CA GLN A 310 -8.52 1.39 17.79
C GLN A 310 -9.59 0.64 17.01
N ARG A 311 -9.89 1.07 15.79
CA ARG A 311 -10.91 0.39 14.98
C ARG A 311 -12.29 0.49 15.62
N LYS A 312 -12.54 1.59 16.35
CA LYS A 312 -13.82 1.83 17.01
C LYS A 312 -14.82 2.57 16.16
N VAL A 313 -14.37 3.35 15.15
CA VAL A 313 -15.28 4.07 14.26
C VAL A 313 -15.99 3.05 13.37
N GLU A 314 -17.28 3.24 13.16
CA GLU A 314 -18.02 2.34 12.27
C GLU A 314 -17.70 2.68 10.81
N ALA A 315 -17.43 1.64 9.98
CA ALA A 315 -17.00 1.81 8.60
C ALA A 315 -18.16 2.24 7.71
N PRO A 316 -17.92 3.10 6.71
CA PRO A 316 -19.01 3.50 5.81
C PRO A 316 -19.36 2.46 4.78
N PHE A 317 -18.56 1.40 4.67
CA PHE A 317 -18.77 0.43 3.61
C PHE A 317 -18.15 -0.88 4.09
N ILE A 318 -18.94 -1.92 4.05
CA ILE A 318 -18.46 -3.26 4.36
C ILE A 318 -18.74 -4.09 3.12
N PRO A 319 -17.71 -4.57 2.43
CA PRO A 319 -17.97 -5.44 1.27
C PRO A 319 -18.82 -6.62 1.70
N LYS A 320 -19.75 -7.03 0.84
CA LYS A 320 -20.69 -8.06 1.19
C LYS A 320 -19.98 -9.29 1.74
N PHE A 321 -20.38 -9.71 2.94
CA PHE A 321 -19.85 -10.93 3.53
C PHE A 321 -20.43 -12.14 2.82
N LYS A 322 -19.61 -12.84 2.03
CA LYS A 322 -20.08 -13.99 1.26
C LYS A 322 -19.35 -15.27 1.65
N GLY A 323 -18.81 -15.34 2.87
CA GLY A 323 -18.03 -16.49 3.28
C GLY A 323 -16.55 -16.17 3.40
N PRO A 324 -15.83 -16.84 4.30
CA PRO A 324 -14.43 -16.47 4.52
C PRO A 324 -13.48 -17.02 3.47
N GLY A 325 -13.97 -17.88 2.57
CA GLY A 325 -13.22 -18.30 1.40
C GLY A 325 -13.76 -17.78 0.09
N ASP A 326 -14.74 -16.88 0.10
CA ASP A 326 -15.25 -16.30 -1.13
C ASP A 326 -14.13 -15.65 -1.95
N THR A 327 -14.22 -15.75 -3.28
CA THR A 327 -13.23 -15.14 -4.17
C THR A 327 -13.85 -14.15 -5.14
N SER A 328 -15.08 -13.72 -4.88
CA SER A 328 -15.85 -12.98 -5.90
C SER A 328 -15.24 -11.62 -6.21
N ASN A 329 -14.49 -11.04 -5.27
CA ASN A 329 -13.84 -9.75 -5.47
C ASN A 329 -12.50 -9.86 -6.16
N PHE A 330 -12.07 -11.05 -6.57
CA PHE A 330 -10.87 -11.23 -7.35
C PHE A 330 -11.25 -11.81 -8.70
N ASP A 331 -10.36 -11.64 -9.67
CA ASP A 331 -10.62 -12.11 -11.03
C ASP A 331 -10.33 -13.59 -11.14
N ASP A 332 -10.70 -14.17 -12.28
CA ASP A 332 -10.43 -15.58 -12.57
C ASP A 332 -9.15 -15.66 -13.40
N TYR A 333 -8.27 -16.61 -13.07
CA TYR A 333 -7.00 -16.79 -13.76
C TYR A 333 -6.85 -18.25 -14.14
N GLU A 334 -6.10 -18.50 -15.21
CA GLU A 334 -5.77 -19.86 -15.57
C GLU A 334 -4.97 -20.47 -14.43
N GLU A 335 -5.35 -21.67 -14.01
CA GLU A 335 -4.69 -22.31 -12.88
C GLU A 335 -3.54 -23.15 -13.42
N GLU A 336 -2.37 -22.99 -12.80
CA GLU A 336 -1.14 -23.60 -13.27
C GLU A 336 -0.42 -24.22 -12.09
N GLU A 337 0.40 -25.23 -12.39
CA GLU A 337 1.19 -25.87 -11.36
C GLU A 337 2.15 -24.89 -10.71
N ILE A 338 2.49 -25.16 -9.45
CA ILE A 338 3.62 -24.52 -8.79
C ILE A 338 4.85 -25.40 -9.06
N ARG A 339 5.79 -24.90 -9.85
CA ARG A 339 6.97 -25.69 -10.21
C ARG A 339 8.01 -25.64 -9.10
N VAL A 340 8.51 -26.80 -8.71
CA VAL A 340 9.61 -26.89 -7.74
C VAL A 340 10.69 -27.82 -8.26
N ILE A 342 14.31 -29.90 -8.77
CA ILE A 342 14.98 -30.89 -7.94
C ILE A 342 16.33 -30.27 -7.56
N ASN A 343 16.59 -29.07 -8.09
CA ASN A 343 17.85 -28.38 -7.91
C ASN A 343 17.60 -27.00 -7.32
N GLU A 344 18.43 -26.60 -6.35
CA GLU A 344 18.26 -25.29 -5.73
C GLU A 344 18.63 -24.18 -6.72
N LYS A 345 17.78 -23.17 -6.82
CA LYS A 345 18.01 -22.04 -7.70
C LYS A 345 18.28 -20.79 -6.88
N CYS A 346 19.23 -19.97 -7.35
CA CYS A 346 19.52 -18.66 -6.76
C CYS A 346 19.66 -18.74 -5.23
N GLY A 347 20.37 -19.77 -4.75
CA GLY A 347 20.46 -19.95 -3.31
C GLY A 347 21.09 -18.76 -2.61
N LYS A 348 22.15 -18.19 -3.21
CA LYS A 348 22.93 -17.15 -2.55
C LYS A 348 22.16 -15.84 -2.55
N GLU A 349 21.46 -15.54 -3.65
CA GLU A 349 20.69 -14.31 -3.72
C GLU A 349 19.71 -14.20 -2.55
N PHE A 350 19.13 -15.32 -2.12
CA PHE A 350 18.01 -15.29 -1.18
C PHE A 350 18.32 -15.98 0.14
N THR A 351 19.57 -15.94 0.57
CA THR A 351 19.93 -16.63 1.81
C THR A 351 19.17 -16.04 3.01
N GLU A 352 19.03 -14.72 3.05
CA GLU A 352 18.38 -14.05 4.17
C GLU A 352 16.88 -14.29 4.24
N PHE A 353 16.27 -14.82 3.19
CA PHE A 353 14.83 -14.97 3.15
C PHE A 353 14.40 -16.12 4.05
N THR B 1 -17.02 15.68 -19.69
CA THR B 1 -16.55 15.85 -18.32
C THR B 1 -15.18 15.22 -18.13
N THR B 2 -14.53 15.61 -17.03
CA THR B 2 -13.24 15.04 -16.75
C THR B 2 -13.33 13.53 -16.54
N TYR B 3 -14.41 13.05 -15.90
CA TYR B 3 -14.54 11.61 -15.71
C TYR B 3 -14.65 10.87 -17.04
N ALA B 4 -15.45 11.40 -17.97
CA ALA B 4 -15.51 10.84 -19.33
C ALA B 4 -14.12 10.79 -19.97
N ASP B 5 -13.36 11.86 -19.86
CA ASP B 5 -12.00 11.83 -20.37
C ASP B 5 -11.18 10.72 -19.70
N PHE B 6 -11.37 10.50 -18.40
CA PHE B 6 -10.67 9.42 -17.70
C PHE B 6 -11.08 8.05 -18.22
N ILE B 7 -12.38 7.80 -18.27
CA ILE B 7 -12.94 6.56 -18.81
C ILE B 7 -12.67 6.46 -20.31
N ALA B 8 -11.88 7.40 -20.87
CA ALA B 8 -11.40 7.34 -22.25
C ALA B 8 -9.89 7.24 -22.39
N SER B 9 -9.15 7.39 -21.30
CA SER B 9 -7.69 7.45 -21.34
C SER B 9 -7.04 6.09 -21.52
N GLY B 10 -7.76 5.01 -21.33
CA GLY B 10 -7.08 3.72 -21.30
C GLY B 10 -6.26 3.45 -20.05
N ARG B 11 -6.33 4.30 -19.03
CA ARG B 11 -5.63 4.04 -17.77
C ARG B 11 -6.62 3.88 -16.62
N THR B 12 -7.71 3.16 -16.87
CA THR B 12 -8.78 2.94 -15.90
C THR B 12 -8.65 1.60 -15.18
N SER B 13 -7.75 0.74 -15.66
CA SER B 13 -7.49 -0.56 -15.09
C SER B 13 -6.34 -0.45 -14.11
N ARG B 14 -6.00 -1.58 -13.47
CA ARG B 14 -4.96 -1.60 -12.47
C ARG B 14 -3.66 -1.13 -13.07
N ARG B 15 -2.96 -0.28 -12.35
CA ARG B 15 -1.81 0.41 -12.91
C ARG B 15 -0.55 -0.27 -12.38
N ASP B 16 0.33 -0.69 -13.29
CA ASP B 16 1.62 -1.25 -12.92
C ASP B 16 2.56 -0.17 -12.44
N ALA B 17 3.53 -0.57 -11.62
CA ALA B 17 4.66 0.29 -11.34
C ALA B 17 5.54 0.42 -12.58
N ILE B 18 6.29 1.51 -12.61
CA ILE B 18 7.24 1.82 -13.65
C ILE B 18 7.56 3.27 -13.36
#